data_2R75
#
_entry.id   2R75
#
_cell.length_a   43.846
_cell.length_b   74.177
_cell.length_c   44.197
_cell.angle_alpha   90.00
_cell.angle_beta   95.08
_cell.angle_gamma   90.00
#
_symmetry.space_group_name_H-M   'P 1 21 1'
#
loop_
_entity.id
_entity.type
_entity.pdbx_description
1 polymer 'Cell division protein ftsZ'
2 non-polymer 'MAGNESIUM ION'
3 non-polymer "8-morpholin-4-ylguanosine 5'-(tetrahydrogen triphosphate)"
4 water water
#
_entity_poly.entity_id   1
_entity_poly.type   'polypeptide(L)'
_entity_poly.pdbx_seq_one_letter_code
;MEEFVNPCKIKVIGVGGGGSNAVNRMYEDGIEGVELYAINTDVQHLSTLKVPNKIQIGEKVTRGLGAGAKPEVGEEAALE
DIDKIKEILRDTDMVFISAGLGGGTGTGAAPVIAKTAKEMGILTVAVATLPFRFEGPRKMEKALKGLEKLKESSDAYIVI
HNDKIKELSNRTLTIKDAFKEVDSVLSKAVRGITSIVVTPAVINVDFADVRTTLEEGGLSIIGMGEGRGDEKADIAVEKA
VTSPLLEGNTIEGARRLLVTIWTSEDIPYDIVDEVMERIHSKVHPEAEIIFGAVLEPQEQDFIRVAIVATDFPEEKFQVG
EKEVKFKVIKKLHHHHHH
;
_entity_poly.pdbx_strand_id   1
#
# COMPACT_ATOMS: atom_id res chain seq x y z
N CYS A 8 16.90 2.05 -10.24
CA CYS A 8 16.37 2.19 -8.86
C CYS A 8 16.03 0.81 -8.38
N LYS A 9 16.45 0.45 -7.17
CA LYS A 9 16.16 -0.88 -6.66
C LYS A 9 14.98 -0.81 -5.70
N ILE A 10 13.86 -1.36 -6.16
CA ILE A 10 12.63 -1.40 -5.37
C ILE A 10 12.30 -2.88 -5.09
N LYS A 11 11.96 -3.12 -3.83
CA LYS A 11 11.48 -4.43 -3.36
C LYS A 11 10.10 -4.33 -2.74
N VAL A 12 9.28 -5.34 -2.94
CA VAL A 12 8.00 -5.47 -2.27
C VAL A 12 8.03 -6.72 -1.45
N ILE A 13 7.76 -6.57 -0.16
CA ILE A 13 7.81 -7.66 0.80
C ILE A 13 6.43 -7.85 1.41
N GLY A 14 5.82 -9.02 1.16
CA GLY A 14 4.56 -9.40 1.79
C GLY A 14 4.85 -10.11 3.10
N VAL A 15 4.16 -9.77 4.17
CA VAL A 15 4.43 -10.32 5.49
C VAL A 15 3.17 -10.95 6.02
N GLY A 16 3.27 -12.25 6.33
CA GLY A 16 2.10 -12.99 6.70
C GLY A 16 1.24 -13.39 5.53
N GLY A 17 0.10 -14.01 5.83
CA GLY A 17 -0.74 -14.61 4.76
C GLY A 17 -1.36 -13.58 3.83
N GLY A 18 -2.08 -12.64 4.40
CA GLY A 18 -2.73 -11.66 3.57
C GLY A 18 -1.78 -10.77 2.80
N GLY A 19 -0.71 -10.33 3.46
CA GLY A 19 0.30 -9.55 2.82
C GLY A 19 0.94 -10.28 1.66
N SER A 20 1.26 -11.55 1.88
CA SER A 20 1.84 -12.42 0.88
C SER A 20 0.85 -12.59 -0.31
N ASN A 21 -0.43 -12.78 -0.01
CA ASN A 21 -1.41 -12.89 -1.08
C ASN A 21 -1.46 -11.62 -1.95
N ALA A 22 -1.32 -10.45 -1.34
CA ALA A 22 -1.32 -9.23 -2.17
C ALA A 22 -0.12 -9.17 -3.09
N VAL A 23 1.04 -9.58 -2.58
CA VAL A 23 2.25 -9.57 -3.41
C VAL A 23 2.15 -10.63 -4.51
N ASN A 24 1.53 -11.75 -4.21
CA ASN A 24 1.27 -12.79 -5.22
C ASN A 24 0.39 -12.21 -6.33
N ARG A 25 -0.56 -11.38 -5.98
CA ARG A 25 -1.44 -10.77 -7.01
C ARG A 25 -0.64 -9.79 -7.84
N MET A 26 0.28 -9.05 -7.20
CA MET A 26 1.10 -8.10 -7.95
C MET A 26 1.95 -8.83 -9.02
N TYR A 27 2.47 -9.99 -8.65
CA TYR A 27 3.24 -10.83 -9.55
C TYR A 27 2.33 -11.26 -10.69
N GLU A 28 1.15 -11.76 -10.37
CA GLU A 28 0.21 -12.24 -11.42
C GLU A 28 -0.25 -11.15 -12.35
N ASP A 29 -0.39 -9.96 -11.78
CA ASP A 29 -0.75 -8.77 -12.57
C ASP A 29 0.39 -8.20 -13.42
N GLY A 30 1.57 -8.81 -13.34
CA GLY A 30 2.69 -8.45 -14.24
C GLY A 30 3.56 -7.30 -13.78
N ILE A 31 3.69 -7.06 -12.48
CA ILE A 31 4.57 -6.00 -12.00
C ILE A 31 5.95 -6.24 -12.56
N GLU A 32 6.56 -5.18 -13.08
CA GLU A 32 7.87 -5.28 -13.67
C GLU A 32 8.89 -4.38 -12.98
N GLY A 33 10.16 -4.76 -13.06
CA GLY A 33 11.25 -3.97 -12.58
C GLY A 33 11.40 -3.88 -11.08
N VAL A 34 10.79 -4.82 -10.36
CA VAL A 34 10.81 -4.85 -8.91
C VAL A 34 11.07 -6.27 -8.45
N GLU A 35 11.72 -6.47 -7.31
CA GLU A 35 11.90 -7.80 -6.76
C GLU A 35 10.89 -8.03 -5.64
N LEU A 36 10.26 -9.20 -5.70
CA LEU A 36 9.14 -9.54 -4.86
C LEU A 36 9.55 -10.63 -3.87
N TYR A 37 9.06 -10.47 -2.65
CA TYR A 37 9.31 -11.41 -1.56
C TYR A 37 8.05 -11.68 -0.76
N ALA A 38 7.96 -12.90 -0.23
CA ALA A 38 6.91 -13.29 0.70
C ALA A 38 7.60 -13.84 1.93
N ILE A 39 7.29 -13.27 3.08
CA ILE A 39 7.82 -13.68 4.36
C ILE A 39 6.68 -14.20 5.22
N ASN A 40 6.87 -15.39 5.79
CA ASN A 40 5.84 -15.93 6.68
C ASN A 40 6.43 -16.86 7.69
N THR A 41 5.68 -17.04 8.76
CA THR A 41 5.98 -18.05 9.77
C THR A 41 5.25 -19.37 9.45
N ASP A 42 4.33 -19.35 8.50
CA ASP A 42 3.53 -20.49 8.10
C ASP A 42 4.10 -21.02 6.76
N VAL A 43 4.88 -22.09 6.83
CA VAL A 43 5.58 -22.64 5.68
C VAL A 43 4.64 -23.26 4.65
N GLN A 44 3.54 -23.87 5.12
CA GLN A 44 2.56 -24.41 4.15
C GLN A 44 2.04 -23.30 3.24
N HIS A 45 1.68 -22.16 3.82
CA HIS A 45 1.17 -21.06 2.98
C HIS A 45 2.20 -20.59 2.01
N LEU A 46 3.45 -20.49 2.43
CA LEU A 46 4.47 -20.03 1.50
C LEU A 46 4.51 -20.93 0.29
N SER A 47 4.36 -22.21 0.53
CA SER A 47 4.56 -23.20 -0.54
C SER A 47 3.56 -23.05 -1.67
N THR A 48 2.41 -22.41 -1.38
CA THR A 48 1.29 -22.20 -2.31
C THR A 48 1.47 -21.01 -3.22
N LEU A 49 2.45 -20.17 -2.95
CA LEU A 49 2.57 -18.91 -3.68
C LEU A 49 3.40 -19.05 -4.96
N LYS A 50 3.16 -18.14 -5.90
CA LYS A 50 3.98 -18.02 -7.11
C LYS A 50 5.08 -16.93 -6.95
N VAL A 51 5.00 -16.14 -5.87
CA VAL A 51 5.99 -15.11 -5.60
C VAL A 51 7.38 -15.76 -5.68
N PRO A 52 8.32 -15.16 -6.45
CA PRO A 52 9.63 -15.80 -6.68
C PRO A 52 10.53 -16.03 -5.50
N ASN A 53 10.51 -15.15 -4.54
CA ASN A 53 11.32 -15.29 -3.36
C ASN A 53 10.44 -15.55 -2.11
N LYS A 54 10.62 -16.71 -1.50
CA LYS A 54 9.83 -17.18 -0.32
C LYS A 54 10.78 -17.40 0.84
N ILE A 55 10.49 -16.71 1.94
CA ILE A 55 11.41 -16.68 3.11
C ILE A 55 10.61 -16.99 4.37
N GLN A 56 11.06 -17.98 5.12
CA GLN A 56 10.52 -18.28 6.47
C GLN A 56 11.19 -17.43 7.53
N ILE A 57 10.40 -17.00 8.51
CA ILE A 57 10.90 -16.47 9.75
C ILE A 57 10.27 -17.23 10.89
N GLY A 58 10.93 -17.26 12.04
CA GLY A 58 10.31 -17.84 13.17
C GLY A 58 10.29 -19.37 13.31
N GLU A 59 11.21 -20.07 12.67
CA GLU A 59 11.29 -21.54 12.83
C GLU A 59 11.32 -21.95 14.30
N LYS A 60 12.14 -21.29 15.09
CA LYS A 60 12.27 -21.71 16.51
C LYS A 60 10.99 -21.50 17.32
N VAL A 61 10.37 -20.33 17.15
CA VAL A 61 9.24 -19.99 18.02
C VAL A 61 7.91 -20.52 17.49
N THR A 62 7.78 -20.76 16.18
CA THR A 62 6.54 -21.25 15.59
C THR A 62 6.60 -22.63 14.96
N ARG A 63 7.79 -23.16 14.71
CA ARG A 63 7.95 -24.49 14.08
C ARG A 63 7.37 -24.57 12.68
N GLY A 64 7.23 -23.43 12.00
CA GLY A 64 6.68 -23.39 10.67
C GLY A 64 5.17 -23.42 10.58
N LEU A 65 4.51 -23.27 11.75
CA LEU A 65 3.06 -23.44 11.86
C LEU A 65 2.29 -22.14 12.07
N GLY A 66 2.93 -20.99 11.84
CA GLY A 66 2.25 -19.71 12.00
C GLY A 66 2.33 -19.20 13.43
N ALA A 67 1.83 -17.96 13.63
CA ALA A 67 1.97 -17.27 14.89
C ALA A 67 0.69 -17.32 15.76
N GLY A 68 -0.33 -18.04 15.32
CA GLY A 68 -1.51 -18.25 16.16
C GLY A 68 -2.22 -17.00 16.51
N ALA A 69 -2.16 -16.00 15.62
CA ALA A 69 -2.87 -14.73 15.80
C ALA A 69 -2.28 -13.89 16.93
N LYS A 70 -1.05 -14.17 17.33
CA LYS A 70 -0.41 -13.43 18.41
C LYS A 70 0.69 -12.52 17.85
N PRO A 71 0.45 -11.21 17.79
CA PRO A 71 1.50 -10.30 17.29
C PRO A 71 2.85 -10.45 18.02
N GLU A 72 2.84 -10.75 19.31
CA GLU A 72 4.11 -10.85 20.02
C GLU A 72 4.94 -12.00 19.40
N VAL A 73 4.31 -13.08 18.99
CA VAL A 73 5.05 -14.21 18.37
C VAL A 73 5.55 -13.81 16.96
N GLY A 74 4.77 -13.03 16.20
CA GLY A 74 5.27 -12.50 14.94
C GLY A 74 6.49 -11.62 15.14
N GLU A 75 6.44 -10.75 16.15
CA GLU A 75 7.58 -9.87 16.47
C GLU A 75 8.78 -10.74 16.81
N GLU A 76 8.62 -11.72 17.69
CA GLU A 76 9.75 -12.58 18.04
C GLU A 76 10.31 -13.32 16.86
N ALA A 77 9.43 -13.76 15.96
CA ALA A 77 9.91 -14.47 14.77
C ALA A 77 10.84 -13.55 13.96
N ALA A 78 10.42 -12.29 13.74
CA ALA A 78 11.24 -11.38 12.98
C ALA A 78 12.56 -11.09 13.67
N LEU A 79 12.52 -10.89 14.97
CA LEU A 79 13.76 -10.58 15.72
C LEU A 79 14.73 -11.77 15.64
N GLU A 80 14.22 -12.99 15.79
CA GLU A 80 15.05 -14.18 15.74
C GLU A 80 15.78 -14.26 14.42
N ASP A 81 15.10 -13.86 13.36
CA ASP A 81 15.60 -13.99 12.03
C ASP A 81 15.93 -12.64 11.39
N ILE A 82 16.34 -11.69 12.23
CA ILE A 82 16.62 -10.33 11.74
C ILE A 82 17.77 -10.35 10.71
N ASP A 83 18.65 -11.35 10.80
CA ASP A 83 19.72 -11.51 9.82
C ASP A 83 19.22 -11.84 8.41
N LYS A 84 18.19 -12.68 8.33
CA LYS A 84 17.54 -13.01 7.07
C LYS A 84 16.91 -11.78 6.48
N ILE A 85 16.30 -10.98 7.33
CA ILE A 85 15.63 -9.79 6.86
C ILE A 85 16.66 -8.78 6.35
N LYS A 86 17.75 -8.60 7.10
CA LYS A 86 18.81 -7.66 6.66
C LYS A 86 19.39 -8.06 5.32
N GLU A 87 19.54 -9.36 5.11
CA GLU A 87 20.08 -9.86 3.85
C GLU A 87 19.18 -9.53 2.65
N ILE A 88 17.87 -9.68 2.81
CA ILE A 88 16.98 -9.33 1.71
C ILE A 88 16.98 -7.83 1.45
N LEU A 89 17.21 -7.01 2.48
CA LEU A 89 17.14 -5.55 2.34
C LEU A 89 18.45 -4.91 1.79
N ARG A 90 19.52 -5.68 1.72
CA ARG A 90 20.74 -5.17 1.15
C ARG A 90 20.49 -4.64 -0.28
N ASP A 91 21.15 -3.53 -0.63
CA ASP A 91 21.15 -2.99 -2.02
C ASP A 91 19.72 -2.61 -2.46
N THR A 92 19.07 -1.83 -1.62
CA THR A 92 17.65 -1.48 -1.88
C THR A 92 17.50 0.03 -1.68
N ASP A 93 16.80 0.69 -2.60
CA ASP A 93 16.40 2.10 -2.51
C ASP A 93 15.06 2.33 -1.84
N MET A 94 14.10 1.48 -2.17
CA MET A 94 12.73 1.61 -1.64
C MET A 94 12.15 0.23 -1.37
N VAL A 95 11.42 0.08 -0.26
CA VAL A 95 10.72 -1.15 0.00
C VAL A 95 9.26 -0.80 0.36
N PHE A 96 8.36 -1.62 -0.17
CA PHE A 96 6.97 -1.65 0.24
C PHE A 96 6.81 -2.87 1.14
N ILE A 97 6.23 -2.65 2.29
CA ILE A 97 5.97 -3.72 3.27
C ILE A 97 4.47 -3.91 3.35
N SER A 98 4.00 -4.99 2.73
CA SER A 98 2.57 -5.27 2.59
C SER A 98 2.16 -6.25 3.70
N ALA A 99 1.18 -5.85 4.51
CA ALA A 99 0.69 -6.66 5.59
C ALA A 99 -0.83 -6.48 5.73
N GLY A 100 -1.52 -7.58 5.98
CA GLY A 100 -2.91 -7.56 6.45
C GLY A 100 -2.84 -7.48 7.95
N LEU A 101 -3.21 -6.37 8.56
CA LEU A 101 -3.15 -6.25 10.00
C LEU A 101 -4.32 -6.95 10.66
N GLY A 102 -4.01 -7.53 11.80
CA GLY A 102 -5.03 -8.26 12.59
C GLY A 102 -4.65 -9.68 12.94
N GLY A 103 -3.68 -10.28 12.25
CA GLY A 103 -3.13 -11.59 12.60
C GLY A 103 -1.81 -11.44 13.36
N GLY A 104 -1.09 -12.51 13.54
CA GLY A 104 0.12 -12.45 14.32
C GLY A 104 1.35 -12.05 13.55
N THR A 105 1.50 -12.59 12.34
CA THR A 105 2.75 -12.45 11.63
C THR A 105 2.86 -11.08 10.97
N GLY A 106 1.89 -10.70 10.12
CA GLY A 106 1.91 -9.35 9.55
C GLY A 106 1.95 -8.30 10.67
N THR A 107 1.05 -8.41 11.64
CA THR A 107 0.98 -7.37 12.65
C THR A 107 2.26 -7.23 13.47
N GLY A 108 2.81 -8.39 13.85
CA GLY A 108 3.97 -8.41 14.70
C GLY A 108 5.30 -8.21 14.00
N ALA A 109 5.47 -8.86 12.83
CA ALA A 109 6.73 -8.78 12.11
C ALA A 109 6.92 -7.55 11.24
N ALA A 110 5.84 -6.99 10.71
CA ALA A 110 5.99 -5.85 9.80
C ALA A 110 6.73 -4.68 10.42
N PRO A 111 6.43 -4.34 11.69
CA PRO A 111 7.20 -3.21 12.30
C PRO A 111 8.69 -3.50 12.41
N VAL A 112 9.06 -4.76 12.67
CA VAL A 112 10.49 -5.07 12.83
C VAL A 112 11.18 -4.97 11.47
N ILE A 113 10.51 -5.43 10.42
CA ILE A 113 11.07 -5.33 9.06
C ILE A 113 11.16 -3.88 8.63
N ALA A 114 10.12 -3.10 8.92
CA ALA A 114 10.11 -1.68 8.58
C ALA A 114 11.26 -0.95 9.28
N LYS A 115 11.44 -1.16 10.58
CA LYS A 115 12.48 -0.45 11.34
C LYS A 115 13.84 -0.80 10.78
N THR A 116 14.03 -2.08 10.44
CA THR A 116 15.31 -2.52 9.94
C THR A 116 15.61 -1.85 8.60
N ALA A 117 14.61 -1.76 7.72
CA ALA A 117 14.80 -1.06 6.45
C ALA A 117 15.11 0.42 6.64
N LYS A 118 14.36 1.07 7.51
CA LYS A 118 14.48 2.50 7.65
C LYS A 118 15.84 2.85 8.22
N GLU A 119 16.34 2.02 9.14
CA GLU A 119 17.67 2.24 9.70
C GLU A 119 18.77 2.04 8.67
N MET A 120 18.48 1.30 7.61
CA MET A 120 19.40 1.13 6.50
C MET A 120 19.26 2.25 5.51
N GLY A 121 18.43 3.26 5.80
CA GLY A 121 18.23 4.37 4.83
C GLY A 121 17.30 4.13 3.67
N ILE A 122 16.65 2.97 3.67
CA ILE A 122 15.73 2.62 2.58
C ILE A 122 14.46 3.43 2.78
N LEU A 123 13.90 3.97 1.68
CA LEU A 123 12.58 4.61 1.76
C LEU A 123 11.56 3.50 2.06
N THR A 124 10.93 3.60 3.21
CA THR A 124 10.13 2.50 3.78
C THR A 124 8.67 2.84 3.79
N VAL A 125 7.91 2.17 2.90
CA VAL A 125 6.48 2.44 2.72
C VAL A 125 5.68 1.20 3.15
N ALA A 126 4.95 1.29 4.25
CA ALA A 126 4.03 0.24 4.67
C ALA A 126 2.76 0.37 3.87
N VAL A 127 2.21 -0.78 3.49
CA VAL A 127 0.93 -0.89 2.83
C VAL A 127 0.12 -1.87 3.65
N ALA A 128 -0.75 -1.32 4.50
CA ALA A 128 -1.41 -2.06 5.57
C ALA A 128 -2.90 -2.04 5.39
N THR A 129 -3.54 -3.22 5.52
CA THR A 129 -5.00 -3.24 5.56
C THR A 129 -5.52 -3.38 6.97
N LEU A 130 -6.68 -2.80 7.21
CA LEU A 130 -7.48 -3.00 8.39
C LEU A 130 -8.64 -3.94 7.99
N PRO A 131 -9.01 -4.87 8.87
CA PRO A 131 -9.93 -5.93 8.53
C PRO A 131 -11.36 -5.55 8.22
N PHE A 132 -12.04 -6.43 7.50
CA PHE A 132 -13.50 -6.26 7.29
C PHE A 132 -14.25 -6.35 8.61
N ARG A 133 -15.43 -5.74 8.65
CA ARG A 133 -16.26 -5.87 9.82
C ARG A 133 -16.63 -7.33 10.11
N PHE A 134 -16.80 -8.13 9.07
CA PHE A 134 -17.15 -9.58 9.27
C PHE A 134 -16.05 -10.38 9.97
N GLU A 135 -14.85 -9.81 10.14
CA GLU A 135 -13.74 -10.43 10.89
C GLU A 135 -13.80 -10.18 12.38
N GLY A 136 -14.67 -9.29 12.80
CA GLY A 136 -14.94 -9.12 14.22
C GLY A 136 -14.10 -8.09 14.91
N PRO A 137 -14.45 -7.78 16.13
CA PRO A 137 -13.88 -6.66 16.85
C PRO A 137 -12.47 -6.88 17.37
N ARG A 138 -12.12 -8.13 17.66
CA ARG A 138 -10.77 -8.39 18.23
C ARG A 138 -9.68 -8.23 17.16
N LYS A 139 -9.97 -8.70 15.95
CA LYS A 139 -9.02 -8.52 14.85
C LYS A 139 -8.78 -7.06 14.61
N MET A 140 -9.81 -6.22 14.68
CA MET A 140 -9.59 -4.78 14.46
C MET A 140 -8.77 -4.15 15.60
N GLU A 141 -9.05 -4.51 16.87
CA GLU A 141 -8.24 -4.01 17.99
C GLU A 141 -6.75 -4.38 17.81
N LYS A 142 -6.48 -5.62 17.43
CA LYS A 142 -5.12 -6.04 17.26
C LYS A 142 -4.48 -5.28 16.11
N ALA A 143 -5.24 -5.07 15.04
CA ALA A 143 -4.73 -4.32 13.87
C ALA A 143 -4.33 -2.92 14.21
N LEU A 144 -5.18 -2.25 14.97
CA LEU A 144 -4.90 -0.86 15.33
C LEU A 144 -3.72 -0.72 16.30
N LYS A 145 -3.59 -1.64 17.24
CA LYS A 145 -2.44 -1.68 18.12
C LYS A 145 -1.15 -1.89 17.32
N GLY A 146 -1.19 -2.80 16.35
CA GLY A 146 -0.01 -3.04 15.52
C GLY A 146 0.34 -1.88 14.63
N LEU A 147 -0.68 -1.19 14.16
CA LEU A 147 -0.47 -0.04 13.27
C LEU A 147 0.30 1.03 14.01
N GLU A 148 0.08 1.16 15.30
CA GLU A 148 0.80 2.16 16.11
C GLU A 148 2.31 1.86 16.18
N LYS A 149 2.66 0.59 16.19
CA LYS A 149 4.08 0.21 16.12
C LYS A 149 4.65 0.34 14.70
N LEU A 150 3.84 -0.01 13.69
CA LEU A 150 4.27 0.10 12.32
C LEU A 150 4.57 1.52 11.93
N LYS A 151 3.76 2.45 12.41
CA LYS A 151 3.95 3.84 12.05
C LYS A 151 5.28 4.40 12.56
N GLU A 152 5.74 3.92 13.71
CA GLU A 152 6.98 4.42 14.29
C GLU A 152 8.17 4.03 13.45
N SER A 153 7.98 2.95 12.69
CA SER A 153 9.01 2.22 11.99
C SER A 153 9.08 2.55 10.49
N SER A 154 8.15 3.36 9.96
CA SER A 154 7.96 3.62 8.53
C SER A 154 8.20 5.06 8.16
N ASP A 155 8.55 5.31 6.89
CA ASP A 155 8.50 6.67 6.34
C ASP A 155 7.09 7.11 6.17
N ALA A 156 6.34 6.30 5.41
CA ALA A 156 4.94 6.51 5.12
C ALA A 156 4.22 5.18 5.34
N TYR A 157 2.97 5.23 5.80
CA TYR A 157 2.18 4.05 5.99
C TYR A 157 0.82 4.30 5.33
N ILE A 158 0.63 3.60 4.23
CA ILE A 158 -0.64 3.65 3.50
C ILE A 158 -1.60 2.70 4.23
N VAL A 159 -2.73 3.22 4.71
CA VAL A 159 -3.70 2.45 5.47
C VAL A 159 -5.01 2.35 4.66
N ILE A 160 -5.41 1.12 4.40
CA ILE A 160 -6.60 0.81 3.59
C ILE A 160 -7.54 -0.02 4.41
N HIS A 161 -8.77 0.46 4.55
CA HIS A 161 -9.76 -0.24 5.35
C HIS A 161 -10.56 -1.13 4.42
N ASN A 162 -10.56 -2.44 4.67
CA ASN A 162 -11.19 -3.36 3.72
C ASN A 162 -12.69 -3.03 3.55
N ASP A 163 -13.35 -2.54 4.60
CA ASP A 163 -14.79 -2.19 4.46
C ASP A 163 -14.99 -1.08 3.40
N LYS A 164 -14.00 -0.22 3.19
CA LYS A 164 -14.14 0.84 2.15
C LYS A 164 -14.03 0.24 0.75
N ILE A 165 -13.17 -0.77 0.61
CA ILE A 165 -13.09 -1.51 -0.67
C ILE A 165 -14.42 -2.23 -0.96
N LYS A 166 -15.01 -2.85 0.05
CA LYS A 166 -16.31 -3.55 -0.13
C LYS A 166 -17.40 -2.56 -0.51
N GLU A 167 -17.42 -1.38 0.12
CA GLU A 167 -18.43 -0.33 -0.16
C GLU A 167 -18.37 0.11 -1.60
N LEU A 168 -17.18 0.10 -2.18
CA LEU A 168 -16.92 0.68 -3.50
C LEU A 168 -16.89 -0.35 -4.60
N SER A 169 -17.16 -1.62 -4.26
CA SER A 169 -16.97 -2.73 -5.21
C SER A 169 -18.29 -3.53 -5.36
N ASN A 170 -18.32 -4.43 -6.35
CA ASN A 170 -19.47 -5.33 -6.54
C ASN A 170 -19.60 -6.25 -5.36
N ARG A 171 -20.84 -6.60 -5.06
CA ARG A 171 -21.11 -7.59 -4.04
C ARG A 171 -20.41 -8.90 -4.36
N THR A 172 -19.86 -9.50 -3.32
CA THR A 172 -19.20 -10.78 -3.42
C THR A 172 -19.98 -11.81 -2.61
N LEU A 173 -19.93 -13.05 -3.07
CA LEU A 173 -20.66 -14.13 -2.45
C LEU A 173 -19.84 -15.11 -1.62
N THR A 174 -18.53 -14.97 -1.70
CA THR A 174 -17.60 -15.79 -0.90
C THR A 174 -16.58 -14.83 -0.30
N ILE A 175 -16.05 -15.16 0.88
CA ILE A 175 -14.98 -14.37 1.47
C ILE A 175 -13.74 -14.38 0.57
N LYS A 176 -13.45 -15.50 -0.08
CA LYS A 176 -12.38 -15.56 -1.04
C LYS A 176 -12.45 -14.41 -2.07
N ASP A 177 -13.62 -14.22 -2.68
CA ASP A 177 -13.80 -13.20 -3.69
C ASP A 177 -13.73 -11.79 -3.06
N ALA A 178 -14.15 -11.63 -1.81
CA ALA A 178 -14.00 -10.34 -1.14
C ALA A 178 -12.52 -9.98 -1.07
N PHE A 179 -11.69 -10.94 -0.69
CA PHE A 179 -10.24 -10.69 -0.62
C PHE A 179 -9.56 -10.52 -1.94
N LYS A 180 -10.04 -11.17 -3.01
CA LYS A 180 -9.52 -10.92 -4.34
C LYS A 180 -9.71 -9.46 -4.72
N GLU A 181 -10.82 -8.82 -4.33
CA GLU A 181 -11.02 -7.39 -4.63
C GLU A 181 -9.99 -6.56 -3.87
N VAL A 182 -9.74 -6.91 -2.62
CA VAL A 182 -8.69 -6.23 -1.83
C VAL A 182 -7.34 -6.37 -2.51
N ASP A 183 -6.97 -7.59 -2.90
CA ASP A 183 -5.67 -7.81 -3.52
C ASP A 183 -5.55 -6.98 -4.81
N SER A 184 -6.62 -6.87 -5.60
CA SER A 184 -6.63 -6.09 -6.85
C SER A 184 -6.31 -4.65 -6.58
N VAL A 185 -6.95 -4.08 -5.55
CA VAL A 185 -6.73 -2.68 -5.21
C VAL A 185 -5.30 -2.45 -4.70
N LEU A 186 -4.83 -3.33 -3.83
CA LEU A 186 -3.46 -3.19 -3.33
C LEU A 186 -2.45 -3.29 -4.46
N SER A 187 -2.71 -4.18 -5.40
CA SER A 187 -1.82 -4.31 -6.55
C SER A 187 -1.83 -3.10 -7.43
N LYS A 188 -3.00 -2.55 -7.74
CA LYS A 188 -3.02 -1.28 -8.47
C LYS A 188 -2.29 -0.19 -7.74
N ALA A 189 -2.46 -0.12 -6.43
CA ALA A 189 -1.87 0.95 -5.68
C ALA A 189 -0.35 0.93 -5.76
N VAL A 190 0.21 -0.26 -5.52
CA VAL A 190 1.67 -0.40 -5.56
C VAL A 190 2.23 -0.27 -6.96
N ARG A 191 1.63 -0.98 -7.90
CA ARG A 191 2.09 -0.90 -9.32
C ARG A 191 1.99 0.49 -9.88
N GLY A 192 1.05 1.28 -9.41
CA GLY A 192 0.97 2.66 -9.87
C GLY A 192 2.17 3.50 -9.42
N ILE A 193 2.75 3.20 -8.27
CA ILE A 193 3.93 3.92 -7.82
C ILE A 193 5.18 3.33 -8.51
N THR A 194 5.32 2.01 -8.52
CA THR A 194 6.55 1.45 -9.04
C THR A 194 6.68 1.74 -10.51
N SER A 195 5.58 1.60 -11.26
CA SER A 195 5.70 1.59 -12.71
C SER A 195 6.10 2.95 -13.27
N ILE A 196 5.79 4.01 -12.56
CA ILE A 196 6.20 5.34 -12.99
C ILE A 196 7.66 5.64 -12.66
N VAL A 197 8.31 4.77 -11.91
CA VAL A 197 9.72 4.96 -11.59
C VAL A 197 10.62 3.99 -12.35
N VAL A 198 10.30 2.70 -12.38
CA VAL A 198 11.24 1.65 -12.85
C VAL A 198 10.89 1.02 -14.19
N THR A 199 9.81 1.45 -14.84
CA THR A 199 9.50 0.97 -16.21
C THR A 199 9.53 2.18 -17.09
N PRO A 200 9.71 1.98 -18.40
CA PRO A 200 9.56 3.09 -19.32
C PRO A 200 8.07 3.46 -19.39
N ALA A 201 7.72 4.63 -18.89
CA ALA A 201 6.33 5.03 -18.72
C ALA A 201 5.96 6.13 -19.68
N VAL A 202 4.72 6.59 -19.61
CA VAL A 202 4.27 7.71 -20.44
C VAL A 202 4.95 8.99 -19.93
N ILE A 203 4.85 9.22 -18.60
CA ILE A 203 5.63 10.24 -17.91
C ILE A 203 6.23 9.59 -16.68
N ASN A 204 7.55 9.40 -16.70
CA ASN A 204 8.24 8.87 -15.56
C ASN A 204 8.46 9.94 -14.48
N VAL A 205 8.60 9.46 -13.24
CA VAL A 205 9.01 10.29 -12.13
C VAL A 205 10.37 9.78 -11.62
N ASP A 206 11.25 10.69 -11.22
CA ASP A 206 12.50 10.33 -10.62
C ASP A 206 12.28 9.71 -9.26
N PHE A 207 13.05 8.69 -8.92
CA PHE A 207 12.98 8.15 -7.60
C PHE A 207 13.17 9.27 -6.58
N ALA A 208 14.12 10.18 -6.83
CA ALA A 208 14.37 11.25 -5.87
C ALA A 208 13.09 12.02 -5.50
N ASP A 209 12.19 12.19 -6.48
CA ASP A 209 10.92 12.89 -6.22
C ASP A 209 9.95 12.02 -5.41
N VAL A 210 9.97 10.71 -5.61
CA VAL A 210 9.15 9.82 -4.81
C VAL A 210 9.67 9.87 -3.35
N ARG A 211 10.98 9.90 -3.17
CA ARG A 211 11.53 10.03 -1.82
C ARG A 211 11.13 11.36 -1.19
N THR A 212 11.28 12.47 -1.90
CA THR A 212 10.92 13.73 -1.27
C THR A 212 9.41 13.78 -0.96
N THR A 213 8.57 13.08 -1.70
CA THR A 213 7.14 13.08 -1.46
C THR A 213 6.78 12.25 -0.24
N LEU A 214 7.41 11.07 -0.11
CA LEU A 214 7.00 10.10 0.91
C LEU A 214 7.88 10.03 2.17
N GLU A 215 9.11 10.57 2.12
CA GLU A 215 9.98 10.42 3.26
C GLU A 215 9.36 11.11 4.47
N GLU A 216 9.29 10.41 5.59
CA GLU A 216 8.61 10.89 6.79
C GLU A 216 7.26 11.49 6.52
N GLY A 217 6.54 10.98 5.54
CA GLY A 217 5.18 11.46 5.32
C GLY A 217 4.16 11.01 6.33
N GLY A 218 4.40 9.88 6.98
CA GLY A 218 3.43 9.37 7.98
C GLY A 218 2.20 8.77 7.36
N LEU A 219 1.05 8.99 8.01
CA LEU A 219 -0.20 8.40 7.57
C LEU A 219 -0.42 8.77 6.11
N SER A 220 -0.81 7.79 5.31
CA SER A 220 -1.05 8.01 3.91
C SER A 220 -2.37 7.32 3.50
N ILE A 221 -3.13 8.00 2.66
CA ILE A 221 -4.48 7.56 2.27
C ILE A 221 -4.55 7.57 0.76
N ILE A 222 -5.12 6.52 0.15
CA ILE A 222 -5.24 6.50 -1.30
C ILE A 222 -6.68 6.62 -1.72
N GLY A 223 -6.85 7.27 -2.84
CA GLY A 223 -8.13 7.33 -3.56
C GLY A 223 -7.92 7.11 -5.03
N MET A 224 -8.82 6.37 -5.69
CA MET A 224 -8.70 6.08 -7.11
C MET A 224 -10.02 6.35 -7.78
N GLY A 225 -9.94 6.80 -9.03
CA GLY A 225 -11.14 7.03 -9.85
C GLY A 225 -10.86 6.81 -11.31
N GLU A 226 -11.82 6.20 -12.01
CA GLU A 226 -11.73 5.96 -13.43
C GLU A 226 -12.58 7.00 -14.14
N GLY A 227 -12.19 7.35 -15.36
CA GLY A 227 -12.98 8.22 -16.24
C GLY A 227 -12.86 7.78 -17.67
N ARG A 228 -13.99 7.84 -18.37
CA ARG A 228 -14.02 7.41 -19.77
C ARG A 228 -14.77 8.46 -20.54
N GLY A 229 -14.57 8.45 -21.85
CA GLY A 229 -15.29 9.37 -22.74
C GLY A 229 -14.85 10.81 -22.60
N ASP A 230 -15.65 11.74 -23.09
CA ASP A 230 -15.21 13.12 -23.27
C ASP A 230 -14.89 13.87 -21.99
N GLU A 231 -15.54 13.52 -20.89
CA GLU A 231 -15.33 14.27 -19.64
C GLU A 231 -14.37 13.57 -18.66
N LYS A 232 -13.55 12.71 -19.21
CA LYS A 232 -12.82 11.72 -18.42
C LYS A 232 -11.95 12.33 -17.31
N ALA A 233 -11.32 13.48 -17.56
CA ALA A 233 -10.40 14.06 -16.53
C ALA A 233 -11.18 14.52 -15.30
N ASP A 234 -12.29 15.21 -15.52
CA ASP A 234 -13.08 15.72 -14.43
C ASP A 234 -13.71 14.55 -13.67
N ILE A 235 -14.25 13.56 -14.36
CA ILE A 235 -14.91 12.42 -13.76
C ILE A 235 -13.89 11.67 -12.87
N ALA A 236 -12.73 11.34 -13.45
CA ALA A 236 -11.73 10.55 -12.72
C ALA A 236 -11.22 11.27 -11.48
N VAL A 237 -10.94 12.56 -11.61
CA VAL A 237 -10.43 13.31 -10.48
C VAL A 237 -11.46 13.43 -9.40
N GLU A 238 -12.71 13.74 -9.78
CA GLU A 238 -13.72 13.83 -8.76
C GLU A 238 -13.91 12.53 -7.97
N LYS A 239 -13.95 11.40 -8.68
CA LYS A 239 -14.10 10.10 -8.06
C LYS A 239 -12.90 9.83 -7.17
N ALA A 240 -11.66 10.12 -7.60
CA ALA A 240 -10.50 9.77 -6.78
C ALA A 240 -10.51 10.55 -5.49
N VAL A 241 -10.78 11.85 -5.58
CA VAL A 241 -10.68 12.69 -4.39
C VAL A 241 -11.80 12.39 -3.38
N THR A 242 -12.94 11.92 -3.86
CA THR A 242 -14.09 11.62 -2.99
C THR A 242 -14.23 10.16 -2.62
N SER A 243 -13.29 9.33 -3.04
CA SER A 243 -13.34 7.90 -2.76
C SER A 243 -12.08 7.42 -2.00
N PRO A 244 -11.73 8.06 -0.89
CA PRO A 244 -10.59 7.57 -0.10
C PRO A 244 -10.91 6.17 0.45
N LEU A 245 -9.86 5.35 0.58
CA LEU A 245 -10.01 4.01 1.11
C LEU A 245 -9.82 3.94 2.64
N LEU A 246 -9.81 5.13 3.28
CA LEU A 246 -9.81 5.25 4.72
C LEU A 246 -10.56 6.54 4.98
N GLU A 247 -11.51 6.51 5.91
CA GLU A 247 -12.30 7.71 6.25
C GLU A 247 -11.55 8.54 7.28
N GLY A 248 -12.01 9.75 7.46
CA GLY A 248 -11.61 10.57 8.61
C GLY A 248 -10.46 11.54 8.43
N ASN A 249 -10.01 11.73 7.19
CA ASN A 249 -8.95 12.72 6.89
C ASN A 249 -8.95 12.97 5.38
N THR A 250 -9.68 13.97 4.94
CA THR A 250 -9.95 14.16 3.51
C THR A 250 -8.64 14.41 2.78
N ILE A 251 -8.53 13.76 1.62
CA ILE A 251 -7.38 13.88 0.71
C ILE A 251 -7.07 15.37 0.46
N GLU A 252 -8.08 16.22 0.48
CA GLU A 252 -7.92 17.66 0.29
C GLU A 252 -7.16 18.39 1.38
N GLY A 253 -6.77 17.74 2.48
CA GLY A 253 -5.92 18.38 3.48
C GLY A 253 -4.43 17.95 3.50
N ALA A 254 -4.08 17.01 2.65
CA ALA A 254 -2.71 16.50 2.62
C ALA A 254 -1.73 17.52 2.06
N ARG A 255 -0.51 17.55 2.56
CA ARG A 255 0.47 18.52 2.09
C ARG A 255 1.43 18.01 1.00
N ARG A 256 1.49 16.68 0.84
CA ARG A 256 2.27 16.06 -0.21
C ARG A 256 1.42 14.97 -0.84
N LEU A 257 1.48 14.90 -2.16
CA LEU A 257 0.70 13.92 -2.91
C LEU A 257 1.48 13.35 -4.06
N LEU A 258 1.29 12.06 -4.27
CA LEU A 258 1.87 11.35 -5.40
C LEU A 258 0.69 10.84 -6.23
N VAL A 259 0.63 11.30 -7.48
CA VAL A 259 -0.50 10.96 -8.37
C VAL A 259 -0.01 10.12 -9.54
N THR A 260 -0.71 9.02 -9.83
CA THR A 260 -0.44 8.21 -11.03
C THR A 260 -1.67 8.34 -11.93
N ILE A 261 -1.44 8.71 -13.18
CA ILE A 261 -2.50 8.75 -14.18
C ILE A 261 -2.27 7.56 -15.12
N TRP A 262 -3.15 6.58 -15.06
CA TRP A 262 -3.09 5.46 -15.96
C TRP A 262 -3.88 5.88 -17.21
N THR A 263 -3.32 5.64 -18.39
CA THR A 263 -3.98 6.07 -19.65
C THR A 263 -4.04 4.90 -20.62
N SER A 264 -5.17 4.72 -21.31
CA SER A 264 -5.18 3.78 -22.41
C SER A 264 -4.28 4.32 -23.55
N GLU A 265 -3.93 3.44 -24.50
CA GLU A 265 -2.90 3.78 -25.52
C GLU A 265 -3.36 4.90 -26.47
N ASP A 266 -4.68 5.05 -26.63
CA ASP A 266 -5.25 6.07 -27.52
C ASP A 266 -5.38 7.46 -26.88
N ILE A 267 -4.99 7.62 -25.61
CA ILE A 267 -5.12 8.91 -24.93
C ILE A 267 -3.70 9.57 -24.93
N PRO A 268 -3.57 10.76 -25.51
CA PRO A 268 -2.28 11.42 -25.51
C PRO A 268 -1.86 11.91 -24.12
N TYR A 269 -0.57 12.11 -23.94
CA TYR A 269 -0.07 12.45 -22.61
C TYR A 269 -0.60 13.74 -22.06
N ASP A 270 -1.00 14.65 -22.93
CA ASP A 270 -1.39 15.99 -22.45
C ASP A 270 -2.72 16.02 -21.74
N ILE A 271 -3.39 14.87 -21.63
CA ILE A 271 -4.50 14.70 -20.67
C ILE A 271 -4.01 15.05 -19.26
N VAL A 272 -2.73 14.86 -18.99
CA VAL A 272 -2.25 15.20 -17.66
C VAL A 272 -2.37 16.68 -17.32
N ASP A 273 -2.36 17.57 -18.32
CA ASP A 273 -2.55 19.00 -18.04
C ASP A 273 -3.87 19.24 -17.36
N GLU A 274 -4.95 18.72 -17.93
CA GLU A 274 -6.25 18.90 -17.34
C GLU A 274 -6.38 18.17 -16.00
N VAL A 275 -5.89 16.94 -15.92
CA VAL A 275 -5.97 16.19 -14.64
C VAL A 275 -5.31 16.99 -13.51
N MET A 276 -4.13 17.49 -13.75
CA MET A 276 -3.39 18.17 -12.69
C MET A 276 -3.98 19.53 -12.34
N GLU A 277 -4.54 20.23 -13.33
CA GLU A 277 -5.31 21.42 -13.00
C GLU A 277 -6.49 21.11 -12.11
N ARG A 278 -7.23 20.07 -12.44
CA ARG A 278 -8.37 19.69 -11.62
C ARG A 278 -7.95 19.23 -10.21
N ILE A 279 -6.90 18.43 -10.12
CA ILE A 279 -6.42 18.06 -8.79
C ILE A 279 -5.97 19.28 -7.99
N HIS A 280 -5.17 20.17 -8.58
CA HIS A 280 -4.73 21.33 -7.83
C HIS A 280 -5.92 22.19 -7.35
N SER A 281 -6.99 22.26 -8.15
CA SER A 281 -8.18 23.04 -7.77
C SER A 281 -8.89 22.41 -6.58
N LYS A 282 -8.83 21.10 -6.45
CA LYS A 282 -9.61 20.39 -5.43
C LYS A 282 -8.86 20.22 -4.12
N VAL A 283 -7.54 20.11 -4.17
CA VAL A 283 -6.77 19.78 -2.97
C VAL A 283 -6.12 21.01 -2.35
N HIS A 284 -5.32 20.81 -1.33
CA HIS A 284 -4.79 21.96 -0.60
C HIS A 284 -3.96 22.88 -1.48
N PRO A 285 -4.18 24.22 -1.38
CA PRO A 285 -3.43 25.14 -2.25
C PRO A 285 -1.91 25.12 -2.15
N GLU A 286 -1.37 24.70 -1.02
CA GLU A 286 0.07 24.66 -0.85
C GLU A 286 0.65 23.25 -1.00
N ALA A 287 -0.16 22.32 -1.46
CA ALA A 287 0.32 20.94 -1.60
C ALA A 287 1.42 20.83 -2.63
N GLU A 288 2.39 19.97 -2.31
CA GLU A 288 3.42 19.63 -3.27
C GLU A 288 3.05 18.29 -3.90
N ILE A 289 2.82 18.34 -5.20
CA ILE A 289 2.29 17.17 -5.92
C ILE A 289 3.21 16.74 -7.05
N ILE A 290 3.59 15.49 -6.99
CA ILE A 290 4.36 14.87 -8.03
C ILE A 290 3.45 13.90 -8.75
N PHE A 291 3.63 13.77 -10.05
CA PHE A 291 2.75 12.91 -10.84
C PHE A 291 3.50 12.24 -11.99
N GLY A 292 3.04 11.04 -12.25
CA GLY A 292 3.46 10.28 -13.41
C GLY A 292 2.31 9.72 -14.18
N ALA A 293 2.58 9.11 -15.33
CA ALA A 293 1.53 8.55 -16.19
C ALA A 293 2.07 7.25 -16.77
N VAL A 294 1.19 6.26 -16.87
CA VAL A 294 1.57 4.93 -17.36
C VAL A 294 0.41 4.33 -18.14
N LEU A 295 0.75 3.44 -19.06
CA LEU A 295 -0.27 2.81 -19.87
C LEU A 295 -1.10 1.79 -19.15
N GLU A 296 -2.38 1.77 -19.45
CA GLU A 296 -3.25 0.70 -19.01
C GLU A 296 -3.58 -0.12 -20.23
N PRO A 297 -2.94 -1.30 -20.34
CA PRO A 297 -3.28 -2.28 -21.37
C PRO A 297 -4.78 -2.61 -21.53
N GLN A 298 -5.14 -3.17 -22.67
CA GLN A 298 -6.49 -3.62 -22.91
C GLN A 298 -7.57 -2.59 -22.62
N GLU A 299 -7.23 -1.34 -22.28
CA GLU A 299 -8.30 -0.34 -22.12
C GLU A 299 -8.37 0.55 -23.36
N GLN A 300 -9.47 1.29 -23.48
CA GLN A 300 -9.69 2.19 -24.60
C GLN A 300 -10.45 3.36 -24.07
N ASP A 301 -10.10 4.57 -24.53
CA ASP A 301 -10.79 5.78 -24.13
C ASP A 301 -10.93 5.92 -22.60
N PHE A 302 -9.82 5.79 -21.88
CA PHE A 302 -9.83 5.46 -20.46
C PHE A 302 -8.67 6.19 -19.76
N ILE A 303 -8.98 6.75 -18.60
CA ILE A 303 -7.95 7.01 -17.56
C ILE A 303 -8.37 6.52 -16.18
N ARG A 304 -7.35 6.28 -15.34
CA ARG A 304 -7.53 6.04 -13.90
C ARG A 304 -6.59 6.98 -13.20
N VAL A 305 -7.15 7.77 -12.29
CA VAL A 305 -6.36 8.68 -11.46
C VAL A 305 -6.23 8.06 -10.06
N ALA A 306 -4.99 7.81 -9.62
CA ALA A 306 -4.75 7.24 -8.31
C ALA A 306 -3.92 8.24 -7.49
N ILE A 307 -4.43 8.63 -6.35
CA ILE A 307 -3.82 9.65 -5.51
C ILE A 307 -3.33 9.06 -4.21
N VAL A 308 -2.03 9.14 -3.92
CA VAL A 308 -1.52 8.75 -2.62
C VAL A 308 -1.27 10.09 -1.90
N ALA A 309 -2.07 10.32 -0.88
CA ALA A 309 -2.04 11.53 -0.10
C ALA A 309 -1.29 11.27 1.23
N THR A 310 -0.36 12.17 1.58
CA THR A 310 0.44 12.01 2.79
C THR A 310 0.74 13.37 3.43
N ASP A 311 1.47 13.34 4.53
CA ASP A 311 1.83 14.59 5.22
C ASP A 311 0.58 15.35 5.64
N PHE A 312 -0.32 14.67 6.37
CA PHE A 312 -1.51 15.31 6.91
C PHE A 312 -1.15 16.14 8.16
N PRO A 313 -1.89 17.23 8.43
CA PRO A 313 -1.70 17.98 9.64
C PRO A 313 -1.92 17.19 10.93
N GLU A 314 -2.82 16.22 10.90
CA GLU A 314 -3.11 15.38 12.03
C GLU A 314 -3.09 13.93 11.62
N GLU A 315 -2.41 13.09 12.40
CA GLU A 315 -2.34 11.69 11.96
C GLU A 315 -3.41 10.83 12.59
N LYS A 316 -4.66 11.11 12.16
CA LYS A 316 -5.90 10.58 12.69
C LYS A 316 -6.71 10.01 11.53
N PHE A 317 -7.64 9.12 11.86
CA PHE A 317 -8.59 8.63 10.86
C PHE A 317 -9.77 8.02 11.59
N GLN A 318 -10.73 7.52 10.81
CA GLN A 318 -11.92 6.88 11.34
C GLN A 318 -12.09 5.47 10.80
N VAL A 319 -12.53 4.57 11.67
CA VAL A 319 -12.89 3.21 11.27
C VAL A 319 -14.28 2.96 11.82
N GLY A 320 -15.27 2.83 10.94
CA GLY A 320 -16.67 2.75 11.44
C GLY A 320 -17.01 3.97 12.28
N GLU A 321 -17.41 3.79 13.55
CA GLU A 321 -17.74 4.90 14.47
C GLU A 321 -16.59 5.27 15.43
N LYS A 322 -15.41 4.68 15.22
CA LYS A 322 -14.26 4.95 16.06
C LYS A 322 -13.33 5.97 15.37
N GLU A 323 -13.06 7.11 16.03
CA GLU A 323 -11.96 8.03 15.68
C GLU A 323 -10.67 7.51 16.29
N VAL A 324 -9.69 7.20 15.45
CA VAL A 324 -8.43 6.65 15.87
C VAL A 324 -7.36 7.75 15.87
N LYS A 325 -6.71 7.94 17.02
CA LYS A 325 -5.52 8.74 17.17
C LYS A 325 -4.51 7.86 17.91
N PHE A 326 -3.23 8.12 17.68
CA PHE A 326 -2.16 7.42 18.34
C PHE A 326 -1.60 8.26 19.46
N LYS A 327 -0.73 7.72 20.27
CA LYS A 327 -0.30 8.44 21.50
C LYS A 327 0.56 9.63 21.17
N VAL A 328 1.60 9.41 20.38
CA VAL A 328 2.59 10.42 20.05
C VAL A 328 3.02 10.28 18.62
N ILE A 329 3.03 11.39 17.89
CA ILE A 329 3.54 11.46 16.53
C ILE A 329 4.93 12.04 16.58
N LYS A 330 5.90 11.28 16.12
CA LYS A 330 7.27 11.74 16.02
C LYS A 330 7.43 12.89 15.00
#